data_1ZUP
#
_entry.id   1ZUP
#
_cell.length_a   82.433
_cell.length_b   82.433
_cell.length_c   234.492
_cell.angle_alpha   90.000
_cell.angle_beta   90.000
_cell.angle_gamma   90.000
#
_symmetry.space_group_name_H-M   'P 43 21 2'
#
loop_
_entity.id
_entity.type
_entity.pdbx_description
1 polymer 'hypothetical protein TM1739'
2 water water
#
_entity_poly.entity_id   1
_entity_poly.type   'polypeptide(L)'
_entity_poly.pdbx_seq_one_letter_code
;(MSE)GSDKIHHHHHH(MSE)QVRIERAERIESELEEHVGDQTFVEESRFLEEDEQREGEILDQIIFVDGKRRSFVRITT
DEGITGIFAELCVGAVIWDREGGTKTLFSPDKPPVKERVLGFSQSFQEEGYEEVGGILFKVVKEGKDA(MSE)QSIDLY
(MSE)RSLEIEEVRKH(MSE)DKNILIVKDGPAARELPFEENVGPIGLVKNIGVTELSKEDFKKLRFLKKGKRSK(MSE)
FVSSRETPLKKVGAYVKLIDGEGIRGLVRLETYVKDDNQIPYIRKVFDDLAKTLPHLTADLPIPRLPENILPIQFLEENL
SYYLTDKNY(MSE)NTRLFAYIGR
;
_entity_poly.pdbx_strand_id   A,B
#
# COMPACT_ATOMS: atom_id res chain seq x y z
N HIS A 11 -9.10 -18.75 28.78
CA HIS A 11 -9.23 -17.43 29.48
C HIS A 11 -9.46 -16.31 28.46
N HIS A 12 -9.61 -15.09 28.95
CA HIS A 12 -9.78 -13.93 28.06
C HIS A 12 -8.49 -13.63 27.29
N GLN A 14 -5.42 -11.86 25.72
CA GLN A 14 -4.57 -10.74 26.12
C GLN A 14 -3.78 -10.13 24.96
N VAL A 15 -4.31 -9.07 24.34
CA VAL A 15 -3.56 -8.35 23.29
C VAL A 15 -2.96 -7.04 23.79
N ARG A 16 -1.64 -7.03 23.97
CA ARG A 16 -0.93 -5.83 24.40
C ARG A 16 -0.56 -4.93 23.21
N ILE A 17 -1.11 -3.72 23.18
CA ILE A 17 -0.99 -2.82 22.05
C ILE A 17 0.02 -1.77 22.41
N GLU A 18 1.03 -1.60 21.56
CA GLU A 18 2.07 -0.62 21.75
C GLU A 18 1.91 0.56 20.86
N ARG A 19 1.04 0.47 19.86
CA ARG A 19 0.78 1.57 18.99
C ARG A 19 -0.50 1.29 18.22
N ALA A 20 -1.24 2.36 17.92
CA ALA A 20 -2.48 2.32 17.19
C ALA A 20 -2.62 3.55 16.32
N GLU A 21 -3.17 3.39 15.12
CA GLU A 21 -3.18 4.41 14.07
C GLU A 21 -4.38 4.25 13.20
N ARG A 22 -5.05 5.33 12.89
CA ARG A 22 -6.17 5.35 11.96
C ARG A 22 -5.72 4.95 10.53
N ILE A 23 -6.59 4.22 9.82
CA ILE A 23 -6.24 3.72 8.51
C ILE A 23 -6.96 4.60 7.53
N GLU A 24 -6.23 5.11 6.56
CA GLU A 24 -6.78 6.16 5.69
C GLU A 24 -7.42 5.65 4.41
N SER A 25 -6.90 4.60 3.79
CA SER A 25 -7.65 3.99 2.71
C SER A 25 -7.44 2.50 2.67
N GLU A 26 -8.21 1.88 1.79
CA GLU A 26 -8.22 0.46 1.58
C GLU A 26 -7.15 -0.06 0.61
N LEU A 27 -6.38 0.82 -0.02
CA LEU A 27 -5.51 0.39 -1.10
C LEU A 27 -4.06 0.52 -0.71
N GLU A 28 -3.79 0.31 0.57
CA GLU A 28 -2.50 0.61 1.13
C GLU A 28 -1.55 -0.56 1.00
N GLU A 29 -0.25 -0.27 0.92
N GLU A 29 -0.25 -0.23 0.98
CA GLU A 29 0.77 -1.31 1.03
CA GLU A 29 0.83 -1.17 1.28
C GLU A 29 0.61 -2.00 2.41
C GLU A 29 0.46 -2.03 2.49
N HIS A 30 0.66 -3.33 2.38
CA HIS A 30 0.49 -4.18 3.56
C HIS A 30 1.65 -3.89 4.52
N VAL A 31 1.33 -3.68 5.80
CA VAL A 31 2.35 -3.43 6.81
C VAL A 31 2.62 -4.77 7.48
N GLY A 32 3.89 -5.11 7.57
CA GLY A 32 4.25 -6.40 8.15
C GLY A 32 4.63 -6.26 9.60
N ASP A 33 4.85 -7.37 10.24
CA ASP A 33 5.33 -7.41 11.58
C ASP A 33 6.68 -6.72 11.69
N GLN A 34 7.03 -6.33 12.91
CA GLN A 34 8.36 -5.83 13.17
C GLN A 34 9.33 -6.97 13.04
N THR A 35 10.56 -6.62 12.73
CA THR A 35 11.63 -7.59 12.48
C THR A 35 12.76 -7.40 13.47
N PHE A 36 13.31 -8.52 13.92
CA PHE A 36 14.34 -8.58 14.93
C PHE A 36 15.58 -9.36 14.42
N VAL A 37 16.68 -9.32 15.17
CA VAL A 37 17.90 -10.01 14.74
C VAL A 37 18.17 -10.90 15.84
N GLU A 38 19.10 -11.84 15.67
CA GLU A 38 19.30 -12.85 16.69
C GLU A 38 20.03 -12.30 17.92
N GLU A 39 20.96 -11.37 17.72
CA GLU A 39 21.65 -10.76 18.86
C GLU A 39 21.94 -9.30 18.59
N SER A 40 21.78 -8.47 19.62
CA SER A 40 21.99 -7.03 19.48
C SER A 40 23.49 -6.77 19.66
N ARG A 41 24.03 -5.94 18.77
CA ARG A 41 25.45 -5.62 18.76
C ARG A 41 25.59 -4.25 19.41
N PHE A 42 25.21 -4.16 20.68
CA PHE A 42 25.39 -2.92 21.42
C PHE A 42 26.89 -2.68 21.65
N LEU A 43 27.27 -1.40 21.68
CA LEU A 43 28.55 -0.95 22.21
C LEU A 43 28.40 -0.87 23.69
N GLU A 44 28.74 -1.93 24.41
CA GLU A 44 28.33 -2.06 25.81
C GLU A 44 29.04 -1.06 26.69
N GLU A 45 30.16 -0.54 26.21
CA GLU A 45 30.90 0.51 26.87
C GLU A 45 30.18 1.86 26.84
N ASP A 46 29.29 2.07 25.88
CA ASP A 46 28.48 3.30 25.84
C ASP A 46 27.62 3.56 27.11
N GLU A 47 27.36 4.83 27.41
CA GLU A 47 26.41 5.17 28.46
C GLU A 47 25.88 6.56 28.17
N GLN A 48 24.57 6.76 28.20
CA GLN A 48 24.03 8.08 28.00
C GLN A 48 24.59 9.01 29.07
N ARG A 49 25.13 10.13 28.66
CA ARG A 49 25.53 11.15 29.63
C ARG A 49 24.70 12.37 29.33
N GLU A 50 24.58 13.24 30.32
CA GLU A 50 23.88 14.50 30.15
C GLU A 50 24.48 15.27 28.96
N GLY A 51 23.58 15.84 28.19
CA GLY A 51 23.91 16.49 26.95
C GLY A 51 23.61 17.96 27.10
N GLU A 52 23.81 18.68 26.01
CA GLU A 52 23.54 20.10 25.95
C GLU A 52 22.57 20.32 24.86
N ILE A 53 21.70 21.30 25.07
CA ILE A 53 20.72 21.68 24.10
C ILE A 53 21.48 22.29 22.96
N LEU A 54 21.17 21.87 21.73
CA LEU A 54 21.88 22.34 20.57
C LEU A 54 21.41 23.73 20.30
N ASP A 55 22.30 24.56 19.80
CA ASP A 55 21.95 25.94 19.47
C ASP A 55 21.26 26.01 18.12
N GLN A 56 21.63 25.12 17.21
CA GLN A 56 21.07 25.10 15.88
C GLN A 56 20.99 23.66 15.36
N ILE A 57 19.98 23.41 14.52
CA ILE A 57 19.90 22.16 13.76
C ILE A 57 19.25 22.46 12.43
N ILE A 58 19.82 21.91 11.37
CA ILE A 58 19.18 21.89 10.06
C ILE A 58 18.49 20.56 9.84
N PHE A 59 17.19 20.61 9.53
CA PHE A 59 16.46 19.40 9.17
C PHE A 59 16.21 19.37 7.67
N VAL A 60 16.42 18.21 7.07
CA VAL A 60 16.20 17.96 5.65
C VAL A 60 15.18 16.87 5.47
N ASP A 61 14.23 17.12 4.56
CA ASP A 61 13.11 16.18 4.31
C ASP A 61 12.56 16.38 2.88
N GLY A 62 11.65 15.50 2.48
CA GLY A 62 11.07 15.46 1.19
C GLY A 62 9.57 15.09 1.29
N LYS A 63 8.83 15.43 0.28
CA LYS A 63 7.41 15.23 0.24
C LYS A 63 7.07 14.76 -1.15
N ARG A 64 6.25 13.75 -1.28
CA ARG A 64 5.87 13.35 -2.61
C ARG A 64 4.40 13.33 -2.81
N ARG A 65 4.01 13.53 -4.06
CA ARG A 65 2.64 13.48 -4.47
C ARG A 65 2.57 12.60 -5.67
N SER A 66 1.72 11.60 -5.61
CA SER A 66 1.59 10.60 -6.66
C SER A 66 0.33 10.92 -7.43
N PHE A 67 0.36 10.87 -8.77
CA PHE A 67 -0.82 11.19 -9.57
C PHE A 67 -1.55 10.00 -10.21
N VAL A 68 -0.88 9.40 -11.18
CA VAL A 68 -1.50 8.42 -12.08
C VAL A 68 -0.56 7.22 -12.11
N ARG A 69 -1.13 6.01 -12.04
CA ARG A 69 -0.42 4.78 -12.30
C ARG A 69 -0.76 4.19 -13.67
N ILE A 70 0.24 3.77 -14.40
CA ILE A 70 0.02 3.21 -15.72
C ILE A 70 0.54 1.80 -15.83
N THR A 71 0.06 1.07 -16.84
CA THR A 71 0.68 -0.17 -17.28
C THR A 71 1.01 -0.05 -18.75
N THR A 72 2.27 -0.27 -19.09
CA THR A 72 2.67 -0.32 -20.50
C THR A 72 2.22 -1.61 -21.19
N ASP A 73 2.46 -1.68 -22.51
CA ASP A 73 2.15 -2.87 -23.31
C ASP A 73 3.04 -4.08 -22.96
N GLU A 74 4.20 -3.79 -22.37
CA GLU A 74 5.14 -4.82 -21.90
C GLU A 74 4.81 -5.23 -20.48
N GLY A 75 3.87 -4.53 -19.85
CA GLY A 75 3.35 -4.92 -18.54
C GLY A 75 3.99 -4.22 -17.37
N ILE A 76 4.87 -3.26 -17.65
CA ILE A 76 5.57 -2.57 -16.58
C ILE A 76 4.64 -1.51 -16.00
N THR A 77 4.40 -1.61 -14.70
CA THR A 77 3.63 -0.62 -13.96
C THR A 77 4.48 0.61 -13.77
N GLY A 78 3.88 1.75 -14.06
CA GLY A 78 4.57 3.04 -13.90
C GLY A 78 3.78 4.02 -13.07
N ILE A 79 4.48 4.96 -12.43
CA ILE A 79 3.83 5.95 -11.58
C ILE A 79 4.34 7.31 -11.87
N PHE A 80 3.44 8.20 -12.27
CA PHE A 80 3.74 9.63 -12.37
C PHE A 80 3.61 10.29 -11.01
N ALA A 81 4.64 11.02 -10.64
CA ALA A 81 4.73 11.65 -9.36
C ALA A 81 5.58 12.90 -9.46
N GLU A 82 5.59 13.61 -8.35
CA GLU A 82 6.34 14.80 -8.11
C GLU A 82 7.02 14.67 -6.72
N LEU A 83 8.24 15.13 -6.61
CA LEU A 83 8.94 15.13 -5.33
C LEU A 83 9.40 16.55 -5.02
N CYS A 84 9.27 17.00 -3.78
CA CYS A 84 9.79 18.30 -3.42
C CYS A 84 10.66 18.18 -2.17
N VAL A 85 11.88 18.71 -2.22
CA VAL A 85 12.82 18.51 -1.15
C VAL A 85 13.36 19.83 -0.66
N GLY A 86 13.67 19.88 0.63
CA GLY A 86 14.15 21.09 1.21
C GLY A 86 14.53 20.95 2.63
N ALA A 87 14.83 22.08 3.24
CA ALA A 87 15.34 22.15 4.59
C ALA A 87 14.80 23.33 5.37
N VAL A 88 14.71 23.14 6.68
CA VAL A 88 14.52 24.21 7.65
C VAL A 88 15.71 24.30 8.58
N ILE A 89 15.93 25.49 9.09
CA ILE A 89 16.90 25.62 10.17
C ILE A 89 16.07 25.94 11.38
N TRP A 90 16.39 25.25 12.46
CA TRP A 90 15.85 25.49 13.76
C TRP A 90 17.00 26.13 14.56
N ASP A 91 16.68 27.22 15.24
CA ASP A 91 17.65 27.96 15.97
C ASP A 91 17.07 28.07 17.38
N ARG A 92 17.80 27.63 18.38
CA ARG A 92 17.34 27.72 19.77
C ARG A 92 16.86 29.13 20.14
N GLU A 93 17.40 30.16 19.49
CA GLU A 93 16.85 31.51 19.58
C GLU A 93 16.32 31.98 18.24
N GLY A 94 15.01 31.94 18.06
CA GLY A 94 14.38 32.20 16.75
C GLY A 94 13.63 31.02 16.16
N GLY A 95 13.62 29.89 16.87
CA GLY A 95 12.99 28.67 16.34
C GLY A 95 13.21 28.49 14.84
N THR A 96 12.14 28.11 14.15
CA THR A 96 12.23 27.50 12.84
C THR A 96 11.99 28.41 11.64
N LYS A 97 12.86 28.29 10.64
CA LYS A 97 12.67 28.97 9.34
C LYS A 97 12.98 28.04 8.17
N THR A 98 12.28 28.24 7.07
CA THR A 98 12.53 27.53 5.84
C THR A 98 13.81 28.12 5.19
N LEU A 99 14.72 27.26 4.73
CA LEU A 99 15.84 27.66 3.92
C LEU A 99 15.42 27.61 2.47
N PHE A 100 14.28 28.19 2.19
CA PHE A 100 13.75 28.37 0.87
C PHE A 100 12.58 29.32 1.07
N SER A 101 11.95 29.75 -0.02
CA SER A 101 10.93 30.77 0.04
C SER A 101 10.20 30.80 -1.30
N PRO A 102 9.04 31.46 -1.41
CA PRO A 102 8.38 31.50 -2.72
C PRO A 102 9.19 32.06 -3.88
N ASP A 103 10.10 32.96 -3.56
CA ASP A 103 11.01 33.58 -4.52
C ASP A 103 12.22 32.69 -4.82
N LYS A 104 12.58 31.77 -3.89
CA LYS A 104 13.63 30.80 -4.10
C LYS A 104 13.12 29.44 -3.70
N PRO A 105 12.31 28.84 -4.58
CA PRO A 105 11.53 27.68 -4.18
C PRO A 105 12.38 26.45 -4.02
N PRO A 106 11.90 25.50 -3.24
CA PRO A 106 12.66 24.30 -3.03
C PRO A 106 12.68 23.45 -4.30
N VAL A 107 13.65 22.57 -4.35
CA VAL A 107 13.77 21.62 -5.44
C VAL A 107 12.49 20.85 -5.63
N LYS A 108 11.99 20.85 -6.85
CA LYS A 108 10.78 20.15 -7.24
C LYS A 108 11.06 19.40 -8.52
N GLU A 109 10.84 18.10 -8.53
CA GLU A 109 11.12 17.31 -9.72
C GLU A 109 9.94 16.39 -9.96
N ARG A 110 9.53 16.33 -11.21
CA ARG A 110 8.53 15.40 -11.73
C ARG A 110 9.20 14.16 -12.25
N VAL A 111 8.69 13.00 -11.86
CA VAL A 111 9.34 11.75 -12.14
C VAL A 111 8.33 10.77 -12.63
N LEU A 112 8.81 9.84 -13.44
CA LEU A 112 8.05 8.71 -13.90
C LEU A 112 8.77 7.47 -13.40
N GLY A 113 8.20 6.81 -12.41
CA GLY A 113 8.84 5.70 -11.76
C GLY A 113 8.48 4.37 -12.41
N PHE A 114 9.48 3.50 -12.55
CA PHE A 114 9.33 2.17 -13.14
C PHE A 114 10.18 1.18 -12.37
N SER A 115 9.98 -0.10 -12.59
CA SER A 115 10.96 -1.12 -12.10
C SER A 115 12.24 -1.07 -12.94
N GLN A 116 13.25 -1.82 -12.50
N GLN A 116 13.28 -1.82 -12.56
CA GLN A 116 14.44 -2.15 -13.30
CA GLN A 116 14.44 -1.95 -13.45
C GLN A 116 14.06 -2.65 -14.70
C GLN A 116 14.06 -2.63 -14.78
N SER A 117 13.02 -3.47 -14.77
CA SER A 117 12.54 -4.10 -16.03
C SER A 117 12.20 -3.09 -17.10
N PHE A 118 12.08 -1.82 -16.76
CA PHE A 118 11.95 -0.78 -17.79
C PHE A 118 13.29 -0.62 -18.47
N GLN A 119 13.27 -0.59 -19.79
CA GLN A 119 14.50 -0.67 -20.54
C GLN A 119 14.85 0.64 -21.25
N GLU A 120 13.92 1.59 -21.31
CA GLU A 120 14.26 2.94 -21.76
C GLU A 120 14.73 3.81 -20.57
N GLU A 121 15.09 5.07 -20.87
CA GLU A 121 15.65 6.00 -19.87
C GLU A 121 15.59 7.43 -20.40
N GLY A 122 16.01 8.41 -19.59
CA GLY A 122 15.91 9.83 -19.92
C GLY A 122 14.69 10.52 -19.33
N TYR A 123 13.81 11.03 -20.18
CA TYR A 123 12.60 11.78 -19.79
C TYR A 123 11.43 11.39 -20.68
N GLU A 124 10.21 11.38 -20.14
CA GLU A 124 9.00 11.27 -20.94
C GLU A 124 8.20 12.57 -20.88
N GLU A 125 7.71 13.03 -22.04
CA GLU A 125 6.84 14.20 -22.13
C GLU A 125 5.41 13.72 -22.29
N VAL A 126 4.53 14.28 -21.47
CA VAL A 126 3.12 13.99 -21.52
C VAL A 126 2.45 15.33 -21.33
N GLY A 127 1.62 15.73 -22.28
CA GLY A 127 0.94 17.01 -22.25
C GLY A 127 1.87 18.17 -22.08
N GLY A 128 3.04 18.09 -22.68
CA GLY A 128 4.02 19.16 -22.58
C GLY A 128 4.63 19.25 -21.19
N ILE A 129 4.64 18.16 -20.45
CA ILE A 129 5.23 18.16 -19.09
C ILE A 129 6.30 17.11 -19.07
N LEU A 130 7.52 17.47 -18.67
CA LEU A 130 8.62 16.50 -18.62
C LEU A 130 8.71 15.72 -17.27
N PHE A 131 8.79 14.40 -17.36
CA PHE A 131 8.89 13.54 -16.21
C PHE A 131 10.18 12.77 -16.35
N LYS A 132 11.01 12.77 -15.31
CA LYS A 132 12.28 12.09 -15.39
C LYS A 132 12.05 10.65 -15.12
N VAL A 133 12.57 9.80 -15.98
CA VAL A 133 12.42 8.38 -15.77
C VAL A 133 13.36 7.97 -14.65
N VAL A 134 12.81 7.21 -13.72
CA VAL A 134 13.49 6.93 -12.50
C VAL A 134 13.16 5.45 -12.28
N LYS A 135 14.19 4.59 -12.19
CA LYS A 135 13.99 3.16 -12.37
C LYS A 135 15.02 2.24 -11.72
N GLU A 136 15.64 2.67 -10.64
CA GLU A 136 16.60 1.86 -9.94
C GLU A 136 15.98 0.66 -9.23
N GLY A 137 14.72 0.78 -8.80
CA GLY A 137 14.11 -0.18 -7.90
C GLY A 137 13.41 -1.38 -8.51
N LYS A 138 12.88 -2.23 -7.62
CA LYS A 138 12.15 -3.48 -7.97
C LYS A 138 10.75 -3.20 -8.45
N ASP A 139 10.13 -2.16 -7.87
CA ASP A 139 8.84 -1.66 -8.35
C ASP A 139 8.87 -0.13 -8.57
N ALA A 140 7.87 0.40 -9.26
CA ALA A 140 7.83 1.83 -9.54
C ALA A 140 7.95 2.69 -8.30
N GLN A 142 9.25 2.03 -5.39
CA GLN A 142 10.59 1.88 -4.86
C GLN A 142 11.57 2.76 -5.61
N SER A 143 11.46 2.77 -6.93
CA SER A 143 12.27 3.62 -7.76
C SER A 143 12.08 5.10 -7.42
N ILE A 144 10.85 5.49 -7.07
CA ILE A 144 10.59 6.88 -6.69
C ILE A 144 11.26 7.23 -5.35
N ASP A 145 11.13 6.33 -4.37
CA ASP A 145 11.71 6.53 -3.04
C ASP A 145 13.24 6.65 -3.08
N LEU A 146 13.89 5.77 -3.83
CA LEU A 146 15.31 5.86 -4.08
C LEU A 146 15.70 7.17 -4.76
N TYR A 147 14.88 7.68 -5.66
CA TYR A 147 15.26 8.94 -6.25
C TYR A 147 15.14 10.10 -5.25
N ARG A 149 15.44 9.96 -2.10
CA ARG A 149 16.55 9.78 -1.17
C ARG A 149 17.78 10.43 -1.76
N SER A 150 18.02 10.22 -3.04
CA SER A 150 19.14 10.89 -3.72
C SER A 150 18.92 12.43 -3.74
N LEU A 151 17.68 12.91 -3.82
CA LEU A 151 17.46 14.37 -3.77
C LEU A 151 17.70 14.90 -2.36
N GLU A 152 17.34 14.12 -1.38
CA GLU A 152 17.60 14.48 -0.02
C GLU A 152 19.09 14.50 0.27
N ILE A 153 19.82 13.50 -0.24
CA ILE A 153 21.29 13.52 -0.09
C ILE A 153 21.90 14.80 -0.70
N GLU A 154 21.53 15.16 -1.93
CA GLU A 154 21.96 16.46 -2.51
C GLU A 154 21.65 17.67 -1.61
N GLU A 155 20.47 17.68 -0.99
CA GLU A 155 20.08 18.82 -0.15
C GLU A 155 20.97 18.82 1.07
N VAL A 156 21.29 17.66 1.63
CA VAL A 156 22.30 17.62 2.72
C VAL A 156 23.64 18.22 2.29
N ARG A 157 24.22 17.75 1.19
CA ARG A 157 25.52 18.26 0.73
C ARG A 157 25.56 19.80 0.72
N LYS A 158 24.45 20.43 0.36
CA LYS A 158 24.35 21.90 0.34
C LYS A 158 24.59 22.60 1.66
N HIS A 159 24.42 21.91 2.77
CA HIS A 159 24.57 22.53 4.05
C HIS A 159 25.77 21.97 4.84
N ASP A 161 28.79 22.68 4.67
N ASP A 161 28.78 22.68 4.68
CA ASP A 161 29.86 23.67 4.88
CA ASP A 161 29.86 23.66 4.87
C ASP A 161 29.62 24.55 6.10
C ASP A 161 29.55 24.66 5.98
N LYS A 162 28.41 24.49 6.65
CA LYS A 162 27.96 25.49 7.61
C LYS A 162 28.34 25.17 9.05
N ASN A 163 29.05 24.07 9.28
CA ASN A 163 29.36 23.65 10.61
C ASN A 163 28.16 23.59 11.56
N ILE A 164 27.03 23.14 11.04
CA ILE A 164 25.82 23.01 11.86
C ILE A 164 25.34 21.58 11.73
N LEU A 165 24.85 21.02 12.84
CA LEU A 165 24.36 19.65 12.79
C LEU A 165 23.20 19.52 11.80
N ILE A 166 23.27 18.49 10.96
CA ILE A 166 22.20 18.21 10.03
C ILE A 166 21.54 16.88 10.36
N VAL A 167 20.23 16.94 10.43
CA VAL A 167 19.38 15.80 10.69
C VAL A 167 18.47 15.54 9.46
N LYS A 168 18.64 14.39 8.85
CA LYS A 168 17.91 14.02 7.65
C LYS A 168 16.78 13.10 8.06
N ASP A 169 15.58 13.40 7.62
CA ASP A 169 14.45 12.52 7.93
C ASP A 169 14.69 11.19 7.19
N GLY A 170 14.39 10.06 7.83
CA GLY A 170 14.66 8.77 7.21
C GLY A 170 16.02 8.17 7.52
N PRO A 171 16.33 7.04 6.91
CA PRO A 171 17.57 6.25 7.09
C PRO A 171 18.87 7.00 6.90
N ALA A 172 19.91 6.61 7.62
CA ALA A 172 21.20 7.18 7.36
C ALA A 172 21.56 6.90 5.91
N ALA A 173 22.35 7.80 5.34
CA ALA A 173 22.87 7.70 3.99
C ALA A 173 24.32 7.25 3.99
N ARG A 174 24.59 6.05 3.51
CA ARG A 174 25.99 5.64 3.41
C ARG A 174 26.79 6.53 2.48
N GLU A 175 26.15 7.19 1.52
CA GLU A 175 26.86 8.15 0.68
C GLU A 175 27.43 9.29 1.52
N LEU A 176 27.02 9.47 2.78
CA LEU A 176 27.50 10.61 3.58
C LEU A 176 27.94 10.21 5.00
N PRO A 177 29.10 9.55 5.14
CA PRO A 177 29.59 9.19 6.46
C PRO A 177 29.73 10.35 7.46
N PHE A 178 29.53 10.05 8.74
CA PHE A 178 29.55 11.06 9.77
C PHE A 178 30.76 12.00 9.65
N GLU A 179 30.49 13.30 9.71
CA GLU A 179 31.51 14.30 9.81
C GLU A 179 31.23 15.11 11.06
N GLU A 180 32.31 15.47 11.73
CA GLU A 180 32.36 15.76 13.17
C GLU A 180 31.35 16.74 13.77
N ASN A 181 31.09 17.85 13.09
CA ASN A 181 30.11 18.79 13.61
C ASN A 181 28.72 18.69 12.91
N VAL A 182 28.73 18.13 11.71
CA VAL A 182 27.68 18.19 10.73
C VAL A 182 26.81 16.93 10.67
N GLY A 183 27.39 15.79 10.98
CA GLY A 183 26.79 14.50 10.73
C GLY A 183 26.93 14.22 9.26
N PRO A 184 25.81 13.98 8.56
CA PRO A 184 24.43 14.03 8.95
C PRO A 184 23.95 12.85 9.81
N ILE A 185 22.87 13.09 10.54
CA ILE A 185 22.17 12.09 11.30
C ILE A 185 20.81 11.78 10.66
N GLY A 186 20.59 10.51 10.33
CA GLY A 186 19.29 10.00 9.99
C GLY A 186 18.39 9.89 11.20
N LEU A 187 17.13 10.25 11.02
CA LEU A 187 16.16 10.15 12.08
C LEU A 187 15.00 9.30 11.55
N VAL A 188 14.89 8.08 12.08
CA VAL A 188 13.94 7.09 11.64
C VAL A 188 12.79 7.03 12.60
N LYS A 189 11.60 7.27 12.06
CA LYS A 189 10.40 7.26 12.85
C LYS A 189 9.56 6.04 12.57
N ASN A 190 9.85 5.33 11.48
CA ASN A 190 9.14 4.13 11.14
C ASN A 190 10.09 2.95 11.42
N ILE A 191 9.92 2.35 12.58
CA ILE A 191 10.96 1.53 13.17
C ILE A 191 10.71 0.07 13.07
N GLY A 192 9.97 -0.31 12.03
CA GLY A 192 9.70 -1.71 11.72
C GLY A 192 10.80 -2.74 11.70
N VAL A 193 11.86 -2.48 10.96
CA VAL A 193 13.06 -3.30 11.02
C VAL A 193 13.91 -2.68 12.12
N THR A 194 13.96 -3.38 13.26
CA THR A 194 14.36 -2.78 14.50
C THR A 194 15.84 -2.85 14.73
N GLU A 195 16.49 -3.86 14.15
CA GLU A 195 17.92 -4.02 14.23
C GLU A 195 18.35 -4.42 15.62
N LEU A 196 17.44 -4.95 16.41
CA LEU A 196 17.76 -5.43 17.75
C LEU A 196 17.10 -6.76 17.94
N SER A 197 17.49 -7.47 18.98
CA SER A 197 16.76 -8.67 19.37
C SER A 197 15.40 -8.25 19.95
N LYS A 198 14.49 -9.20 20.06
CA LYS A 198 13.14 -8.92 20.53
C LYS A 198 13.22 -8.52 21.98
N GLU A 199 13.89 -9.27 22.81
CA GLU A 199 13.96 -8.92 24.21
C GLU A 199 14.60 -7.55 24.42
N ASP A 200 15.59 -7.18 23.63
CA ASP A 200 16.15 -5.85 23.80
C ASP A 200 15.19 -4.80 23.27
N PHE A 201 14.55 -5.09 22.16
CA PHE A 201 13.63 -4.11 21.62
C PHE A 201 12.49 -3.82 22.61
N LYS A 202 11.96 -4.87 23.21
CA LYS A 202 10.94 -4.74 24.25
C LYS A 202 11.33 -3.89 25.46
N LYS A 203 12.60 -3.82 25.81
CA LYS A 203 13.03 -2.92 26.88
C LYS A 203 12.82 -1.41 26.57
N LEU A 204 12.72 -1.06 25.29
CA LEU A 204 12.76 0.33 24.89
C LEU A 204 11.51 1.09 25.27
N ARG A 205 10.38 0.39 25.38
CA ARG A 205 9.09 1.03 25.67
C ARG A 205 9.09 1.61 27.07
N PHE A 206 10.07 1.22 27.85
CA PHE A 206 10.28 1.78 29.15
C PHE A 206 11.28 2.93 29.24
N LEU A 207 11.99 3.26 28.16
CA LEU A 207 12.85 4.46 28.15
C LEU A 207 11.96 5.65 28.42
N LYS A 208 12.43 6.56 29.26
CA LYS A 208 11.67 7.75 29.55
C LYS A 208 12.09 8.86 28.59
N LYS A 209 11.33 9.96 28.62
CA LYS A 209 11.50 11.05 27.75
C LYS A 209 12.91 11.55 27.81
N GLY A 210 13.55 11.69 26.66
CA GLY A 210 14.91 12.27 26.63
C GLY A 210 16.00 11.23 26.92
N LYS A 211 15.59 9.97 27.09
CA LYS A 211 16.53 8.87 27.27
C LYS A 211 16.82 8.10 25.97
N ARG A 212 18.05 7.58 25.83
CA ARG A 212 18.44 6.83 24.66
C ARG A 212 18.93 5.48 25.02
N SER A 213 18.78 4.51 24.12
CA SER A 213 19.47 3.22 24.34
C SER A 213 21.00 3.42 24.21
N LYS A 214 21.74 2.37 24.50
CA LYS A 214 23.10 2.30 24.07
C LYS A 214 23.19 2.31 22.54
N PHE A 216 24.41 0.92 19.05
CA PHE A 216 24.58 -0.42 18.50
C PHE A 216 25.06 -0.27 17.05
N VAL A 217 25.72 -1.31 16.54
CA VAL A 217 26.36 -1.25 15.23
C VAL A 217 25.78 -2.29 14.30
N SER A 218 25.85 -1.98 13.00
CA SER A 218 25.40 -2.88 11.94
C SER A 218 26.23 -4.16 11.94
N SER A 219 27.56 -4.00 12.05
CA SER A 219 28.52 -5.10 12.13
C SER A 219 29.77 -4.66 12.91
N LEU A 224 33.12 0.84 7.56
CA LEU A 224 31.97 0.84 6.63
C LEU A 224 30.63 0.61 7.36
N LYS A 225 30.56 1.08 8.60
CA LYS A 225 29.58 0.63 9.57
C LYS A 225 28.49 1.67 9.87
N LYS A 226 27.27 1.20 10.16
CA LYS A 226 26.19 2.06 10.70
C LYS A 226 26.20 2.04 12.23
N VAL A 227 26.07 3.19 12.88
CA VAL A 227 25.83 3.24 14.34
C VAL A 227 24.52 3.92 14.58
N GLY A 228 23.82 3.43 15.60
CA GLY A 228 22.47 3.81 15.88
C GLY A 228 22.20 3.78 17.37
N ALA A 229 21.19 4.57 17.76
CA ALA A 229 20.61 4.50 19.11
C ALA A 229 19.11 4.86 19.02
N TYR A 230 18.32 4.25 19.87
CA TYR A 230 16.89 4.64 20.01
C TYR A 230 16.77 5.74 21.03
N VAL A 231 15.85 6.65 20.80
CA VAL A 231 15.57 7.75 21.70
C VAL A 231 14.03 7.86 21.91
N LYS A 232 13.64 8.23 23.10
CA LYS A 232 12.24 8.40 23.43
C LYS A 232 11.96 9.89 23.51
N LEU A 233 11.09 10.37 22.64
CA LEU A 233 10.75 11.77 22.58
C LEU A 233 9.59 12.25 23.43
N ILE A 234 8.74 11.37 23.95
CA ILE A 234 7.59 11.82 24.72
C ILE A 234 7.40 10.95 25.92
N ASP A 235 6.51 11.35 26.82
CA ASP A 235 6.26 10.60 28.03
C ASP A 235 5.30 9.44 27.77
N GLY A 236 5.34 8.40 28.60
CA GLY A 236 4.42 7.27 28.44
C GLY A 236 5.01 6.08 27.70
N GLU A 237 4.60 4.89 28.13
CA GLU A 237 5.32 3.64 27.87
C GLU A 237 4.87 2.71 26.71
N GLY A 238 4.42 3.23 25.58
CA GLY A 238 4.45 2.47 24.32
C GLY A 238 5.64 2.84 23.40
N ILE A 239 5.48 2.68 22.09
CA ILE A 239 6.55 2.96 21.17
C ILE A 239 6.31 4.21 20.35
N ARG A 240 5.22 4.90 20.63
CA ARG A 240 5.02 6.23 20.01
C ARG A 240 6.09 7.14 20.60
N GLY A 241 6.68 7.99 19.82
CA GLY A 241 7.76 8.80 20.41
C GLY A 241 9.15 8.17 20.36
N LEU A 242 9.24 6.89 20.03
CA LEU A 242 10.49 6.17 19.90
C LEU A 242 11.00 6.35 18.47
N VAL A 243 12.18 6.96 18.32
CA VAL A 243 12.81 7.14 17.03
C VAL A 243 14.22 6.53 17.10
N ARG A 244 14.82 6.26 15.93
CA ARG A 244 16.14 5.73 15.85
C ARG A 244 16.99 6.79 15.17
N LEU A 245 18.07 7.17 15.84
CA LEU A 245 19.04 8.05 15.27
C LEU A 245 20.12 7.17 14.70
N GLU A 246 20.65 7.52 13.54
CA GLU A 246 21.73 6.68 13.01
C GLU A 246 22.63 7.39 12.04
N THR A 247 23.85 6.90 11.91
CA THR A 247 24.80 7.45 10.97
C THR A 247 25.80 6.42 10.50
N TYR A 248 26.42 6.66 9.36
CA TYR A 248 27.50 5.81 8.90
C TYR A 248 28.80 6.43 9.36
N VAL A 249 29.70 5.57 9.77
CA VAL A 249 30.92 6.05 10.37
C VAL A 249 32.07 5.46 9.58
N LYS A 250 33.07 6.27 9.23
CA LYS A 250 34.31 5.76 8.59
C LYS A 250 35.39 5.27 9.58
N ASP A 251 35.92 6.17 10.41
CA ASP A 251 36.95 5.82 11.44
C ASP A 251 36.25 5.55 12.79
N ASP A 252 36.58 4.43 13.43
CA ASP A 252 36.02 4.11 14.78
C ASP A 252 36.38 5.17 15.85
N ASN A 253 37.36 6.01 15.54
CA ASN A 253 37.75 7.12 16.40
C ASN A 253 36.78 8.28 16.28
N GLN A 254 35.88 8.22 15.32
CA GLN A 254 34.74 9.14 15.33
C GLN A 254 33.63 8.81 16.34
N ILE A 255 33.64 7.61 16.90
CA ILE A 255 32.56 7.20 17.82
C ILE A 255 32.31 8.18 18.99
N PRO A 256 33.37 8.65 19.66
CA PRO A 256 33.15 9.69 20.67
C PRO A 256 32.35 10.89 20.23
N TYR A 257 32.56 11.35 18.99
CA TYR A 257 31.90 12.53 18.46
C TYR A 257 30.42 12.24 18.21
N ILE A 258 30.15 11.05 17.71
CA ILE A 258 28.76 10.57 17.49
C ILE A 258 28.03 10.40 18.82
N ARG A 259 28.72 9.83 19.79
CA ARG A 259 28.17 9.68 21.13
C ARG A 259 27.70 11.03 21.67
N LYS A 260 28.47 12.07 21.46
CA LYS A 260 28.10 13.36 21.99
C LYS A 260 26.86 13.94 21.27
N VAL A 261 26.82 13.79 19.95
CA VAL A 261 25.66 14.19 19.18
C VAL A 261 24.42 13.45 19.60
N PHE A 262 24.55 12.16 19.86
CA PHE A 262 23.39 11.40 20.31
C PHE A 262 22.92 11.86 21.67
N ASP A 263 23.84 12.09 22.58
CA ASP A 263 23.50 12.68 23.86
C ASP A 263 22.79 14.03 23.68
N ASP A 264 23.24 14.84 22.73
CA ASP A 264 22.72 16.23 22.60
C ASP A 264 21.35 16.24 21.94
N LEU A 265 21.18 15.35 20.98
CA LEU A 265 19.87 15.17 20.29
C LEU A 265 18.83 14.57 21.23
N ALA A 266 19.25 13.55 21.99
CA ALA A 266 18.39 12.97 23.02
C ALA A 266 17.91 14.06 23.98
N LYS A 267 18.79 15.00 24.31
CA LYS A 267 18.38 16.11 25.20
C LYS A 267 17.48 17.12 24.51
N THR A 268 17.82 17.45 23.28
CA THR A 268 17.21 18.55 22.60
C THR A 268 15.89 18.21 21.92
N LEU A 269 15.83 17.08 21.23
CA LEU A 269 14.64 16.77 20.39
C LEU A 269 13.29 16.74 21.12
N PRO A 270 13.25 16.21 22.37
CA PRO A 270 11.98 16.22 23.07
C PRO A 270 11.42 17.62 23.22
N HIS A 271 12.28 18.63 23.33
CA HIS A 271 11.81 19.99 23.42
C HIS A 271 11.19 20.51 22.12
N LEU A 272 11.31 19.77 21.03
CA LEU A 272 10.82 20.19 19.75
C LEU A 272 9.64 19.33 19.29
N THR A 273 9.06 18.61 20.23
CA THR A 273 7.87 17.83 19.95
C THR A 273 6.70 18.44 20.69
N ALA A 274 5.52 17.96 20.34
CA ALA A 274 4.32 18.03 21.18
C ALA A 274 3.82 16.59 21.45
N ASP A 275 3.17 16.38 22.60
CA ASP A 275 2.45 15.13 22.90
C ASP A 275 0.94 15.45 23.11
N LEU A 276 0.13 15.36 22.05
CA LEU A 276 -1.20 16.01 22.05
C LEU A 276 -2.43 15.22 21.50
N PRO A 277 -2.48 14.93 20.19
CA PRO A 277 -3.73 14.40 19.62
C PRO A 277 -3.78 12.89 19.63
N ASN A 284 4.82 13.73 13.43
CA ASN A 284 6.21 14.22 13.44
C ASN A 284 6.65 15.19 14.60
N ILE A 285 7.97 15.49 14.74
CA ILE A 285 8.46 16.63 15.56
C ILE A 285 8.25 18.00 14.87
N LEU A 286 8.17 19.09 15.62
CA LEU A 286 7.57 20.30 15.06
C LEU A 286 8.30 20.94 13.89
N PRO A 287 9.61 21.13 14.00
CA PRO A 287 10.34 21.63 12.84
C PRO A 287 10.11 20.85 11.51
N ILE A 288 10.07 19.53 11.58
CA ILE A 288 9.80 18.66 10.44
C ILE A 288 8.38 18.77 9.94
N GLN A 289 7.46 18.89 10.86
CA GLN A 289 6.09 19.16 10.49
C GLN A 289 5.95 20.47 9.71
N PHE A 290 6.63 21.48 10.18
CA PHE A 290 6.63 22.79 9.48
C PHE A 290 7.30 22.66 8.11
N LEU A 291 8.39 21.90 8.06
CA LEU A 291 9.06 21.68 6.80
C LEU A 291 8.17 21.02 5.79
N GLU A 292 7.47 19.95 6.21
CA GLU A 292 6.61 19.13 5.29
C GLU A 292 5.43 19.91 4.78
N GLU A 293 4.80 20.63 5.70
CA GLU A 293 3.69 21.52 5.39
C GLU A 293 4.15 22.56 4.33
N ASN A 294 5.30 23.18 4.53
CA ASN A 294 5.82 24.12 3.55
C ASN A 294 6.16 23.46 2.22
N LEU A 295 6.80 22.29 2.27
CA LEU A 295 7.10 21.61 1.05
C LEU A 295 5.84 21.38 0.23
N SER A 296 4.79 20.98 0.94
N SER A 296 4.77 20.97 0.89
CA SER A 296 3.48 20.73 0.36
CA SER A 296 3.53 20.63 0.21
C SER A 296 3.00 21.87 -0.49
C SER A 296 2.85 21.85 -0.46
N TYR A 297 3.21 23.13 -0.05
N TYR A 297 3.26 23.08 -0.13
CA TYR A 297 2.68 24.28 -0.75
CA TYR A 297 2.72 24.29 -0.76
C TYR A 297 3.08 24.18 -2.20
C TYR A 297 3.27 24.50 -2.14
N TYR A 298 4.33 23.77 -2.49
CA TYR A 298 4.86 23.83 -3.84
C TYR A 298 4.41 22.70 -4.77
N LEU A 299 3.59 21.76 -4.30
CA LEU A 299 3.25 20.61 -5.13
C LEU A 299 2.08 20.98 -6.03
N THR A 300 1.99 20.30 -7.15
CA THR A 300 1.04 20.64 -8.22
C THR A 300 -0.31 20.09 -7.79
N ASP A 301 -1.35 20.84 -8.05
CA ASP A 301 -2.70 20.42 -7.80
C ASP A 301 -3.00 19.10 -8.49
N LYS A 302 -3.61 18.21 -7.73
CA LYS A 302 -3.85 16.90 -8.19
C LYS A 302 -4.90 16.83 -9.29
N ASN A 303 -6.01 17.55 -9.16
CA ASN A 303 -7.09 17.49 -10.15
C ASN A 303 -6.54 17.98 -11.50
N TYR A 304 -5.85 19.12 -11.47
CA TYR A 304 -5.22 19.65 -12.64
C TYR A 304 -4.30 18.60 -13.27
N ASN A 306 -3.89 15.29 -12.86
CA ASN A 306 -4.48 14.01 -13.24
C ASN A 306 -5.31 14.14 -14.49
N THR A 307 -6.10 15.20 -14.60
CA THR A 307 -6.94 15.44 -15.79
C THR A 307 -6.06 15.59 -17.03
N ARG A 308 -5.03 16.43 -16.92
CA ARG A 308 -4.11 16.59 -18.01
C ARG A 308 -3.38 15.29 -18.33
N LEU A 309 -3.01 14.52 -17.33
CA LEU A 309 -2.35 13.25 -17.63
C LEU A 309 -3.31 12.27 -18.33
N PHE A 310 -4.51 12.09 -17.81
CA PHE A 310 -5.47 11.14 -18.40
C PHE A 310 -5.84 11.54 -19.78
N ALA A 311 -5.91 12.85 -20.04
CA ALA A 311 -6.21 13.35 -21.41
C ALA A 311 -5.13 12.94 -22.40
N TYR A 312 -3.87 13.16 -22.04
CA TYR A 312 -2.78 13.00 -23.00
C TYR A 312 -2.23 11.58 -23.04
N ILE A 313 -2.58 10.74 -22.07
CA ILE A 313 -2.21 9.30 -22.12
C ILE A 313 -3.12 8.54 -23.08
N ARG B 16 4.25 3.06 -24.63
CA ARG B 16 2.84 2.81 -25.10
C ARG B 16 2.05 2.30 -23.92
N ILE B 17 0.80 2.72 -23.82
CA ILE B 17 0.06 2.55 -22.59
C ILE B 17 -1.18 1.70 -22.77
N GLU B 18 -1.35 0.78 -21.84
CA GLU B 18 -2.44 -0.17 -21.84
C GLU B 18 -3.45 0.14 -20.74
N ARG B 19 -3.03 0.79 -19.65
CA ARG B 19 -3.99 1.21 -18.63
C ARG B 19 -3.48 2.42 -17.82
N ALA B 20 -4.41 3.19 -17.29
CA ALA B 20 -4.12 4.38 -16.48
C ALA B 20 -5.16 4.47 -15.38
N GLU B 21 -4.72 4.70 -14.14
CA GLU B 21 -5.59 4.80 -12.97
C GLU B 21 -5.10 5.90 -12.05
N ARG B 22 -6.01 6.55 -11.36
CA ARG B 22 -5.70 7.62 -10.46
C ARG B 22 -5.15 6.99 -9.14
N ILE B 23 -4.17 7.62 -8.51
CA ILE B 23 -3.62 7.05 -7.29
C ILE B 23 -4.34 7.72 -6.13
N GLU B 24 -4.89 6.96 -5.21
CA GLU B 24 -5.68 7.54 -4.09
C GLU B 24 -4.86 8.08 -2.87
N SER B 25 -3.70 7.49 -2.58
CA SER B 25 -2.90 8.02 -1.47
C SER B 25 -1.44 7.73 -1.64
N GLU B 26 -0.64 8.40 -0.85
CA GLU B 26 0.78 8.17 -0.83
C GLU B 26 1.17 6.87 -0.13
N LEU B 27 0.24 6.14 0.46
CA LEU B 27 0.61 4.83 1.08
C LEU B 27 0.19 3.63 0.23
N GLU B 28 -0.21 3.88 -1.02
CA GLU B 28 -0.81 2.84 -1.87
C GLU B 28 0.09 1.67 -2.24
N GLU B 29 -0.54 0.52 -2.43
CA GLU B 29 0.12 -0.74 -2.74
C GLU B 29 1.20 -0.52 -3.78
N HIS B 30 2.41 -0.96 -3.47
CA HIS B 30 3.46 -1.04 -4.46
C HIS B 30 3.02 -2.12 -5.45
N VAL B 31 2.31 -1.71 -6.50
CA VAL B 31 1.82 -2.63 -7.52
C VAL B 31 2.97 -3.05 -8.45
N GLY B 32 3.07 -4.35 -8.67
CA GLY B 32 4.14 -4.88 -9.48
C GLY B 32 3.81 -5.01 -10.94
N ASP B 33 4.87 -5.12 -11.74
CA ASP B 33 4.78 -5.46 -13.14
C ASP B 33 3.94 -6.73 -13.35
N GLN B 34 3.26 -6.83 -14.48
CA GLN B 34 2.48 -8.03 -14.83
C GLN B 34 3.39 -9.23 -15.00
N THR B 35 2.96 -10.38 -14.50
CA THR B 35 3.75 -11.62 -14.59
C THR B 35 3.19 -12.56 -15.65
N PHE B 36 4.12 -13.19 -16.35
CA PHE B 36 3.84 -14.10 -17.44
C PHE B 36 4.45 -15.47 -17.19
N VAL B 37 4.17 -16.40 -18.08
CA VAL B 37 4.75 -17.74 -18.02
C VAL B 37 5.50 -17.99 -19.31
N GLU B 38 6.48 -18.89 -19.25
CA GLU B 38 7.33 -19.27 -20.37
C GLU B 38 6.56 -19.78 -21.59
N GLU B 39 5.47 -20.52 -21.36
CA GLU B 39 4.61 -20.96 -22.45
C GLU B 39 3.17 -21.08 -21.98
N SER B 40 2.26 -20.72 -22.89
CA SER B 40 0.83 -20.62 -22.61
C SER B 40 0.16 -21.96 -22.82
N ARG B 41 -0.66 -22.37 -21.85
CA ARG B 41 -1.31 -23.69 -21.88
C ARG B 41 -2.72 -23.54 -22.45
N PHE B 42 -2.76 -23.11 -23.73
CA PHE B 42 -3.99 -22.93 -24.49
C PHE B 42 -4.64 -24.28 -24.79
N LEU B 43 -5.94 -24.23 -25.10
CA LEU B 43 -6.64 -25.33 -25.70
C LEU B 43 -6.65 -25.07 -27.20
N GLU B 44 -5.59 -25.54 -27.85
CA GLU B 44 -5.39 -25.38 -29.30
C GLU B 44 -6.70 -25.35 -30.11
N GLU B 45 -7.63 -26.27 -29.80
CA GLU B 45 -8.89 -26.39 -30.53
C GLU B 45 -9.96 -25.36 -30.12
N ASP B 46 -9.54 -24.30 -29.43
CA ASP B 46 -10.45 -23.25 -28.96
C ASP B 46 -11.58 -22.94 -29.94
N GLU B 47 -12.81 -23.46 -29.40
CA GLU B 47 -14.04 -23.25 -30.15
C GLU B 47 -14.79 -22.06 -29.59
N GLN B 48 -14.30 -20.85 -29.88
CA GLN B 48 -15.04 -19.62 -29.54
C GLN B 48 -16.27 -19.51 -30.45
N ARG B 49 -17.34 -20.22 -30.10
CA ARG B 49 -18.61 -20.08 -30.81
C ARG B 49 -19.30 -18.80 -30.35
N GLU B 50 -20.34 -18.37 -31.06
CA GLU B 50 -21.14 -17.20 -30.64
C GLU B 50 -22.10 -17.61 -29.55
N GLY B 51 -22.54 -16.65 -28.76
CA GLY B 51 -23.41 -16.93 -27.63
C GLY B 51 -24.80 -16.41 -27.87
N GLU B 52 -25.46 -16.01 -26.79
CA GLU B 52 -26.69 -15.23 -26.83
C GLU B 52 -26.62 -14.15 -25.75
N ILE B 53 -27.71 -14.04 -25.01
CA ILE B 53 -27.77 -13.21 -23.82
C ILE B 53 -28.47 -14.02 -22.72
N LEU B 54 -27.87 -14.04 -21.52
CA LEU B 54 -28.41 -14.81 -20.41
C LEU B 54 -29.69 -14.12 -19.90
N ASP B 55 -30.64 -14.92 -19.42
CA ASP B 55 -31.88 -14.37 -18.87
C ASP B 55 -31.61 -13.72 -17.51
N GLN B 56 -30.70 -14.32 -16.75
CA GLN B 56 -30.45 -13.94 -15.37
C GLN B 56 -29.03 -14.34 -14.97
N ILE B 57 -28.35 -13.45 -14.24
CA ILE B 57 -27.05 -13.74 -13.62
C ILE B 57 -27.10 -13.26 -12.19
N ILE B 58 -26.60 -14.06 -11.26
CA ILE B 58 -26.45 -13.64 -9.87
C ILE B 58 -25.02 -13.22 -9.62
N PHE B 59 -24.85 -12.00 -9.11
CA PHE B 59 -23.53 -11.49 -8.79
C PHE B 59 -23.32 -11.43 -7.30
N VAL B 60 -22.16 -11.91 -6.88
CA VAL B 60 -21.79 -11.98 -5.47
C VAL B 60 -20.47 -11.26 -5.33
N ASP B 61 -20.32 -10.50 -4.25
CA ASP B 61 -19.13 -9.67 -4.03
C ASP B 61 -19.05 -9.32 -2.55
N GLY B 62 -17.98 -8.62 -2.16
CA GLY B 62 -17.77 -8.18 -0.77
C GLY B 62 -17.11 -6.82 -0.72
N LYS B 63 -17.46 -6.04 0.30
CA LYS B 63 -16.81 -4.77 0.64
C LYS B 63 -16.11 -4.82 2.03
N ARG B 64 -14.93 -4.22 2.11
CA ARG B 64 -14.19 -4.20 3.35
C ARG B 64 -14.01 -2.76 3.78
N ARG B 65 -14.07 -2.51 5.08
CA ARG B 65 -13.68 -1.24 5.65
C ARG B 65 -12.68 -1.47 6.74
N SER B 66 -11.63 -0.65 6.72
CA SER B 66 -10.46 -0.82 7.60
C SER B 66 -10.45 0.37 8.50
N PHE B 67 -10.29 0.16 9.81
CA PHE B 67 -10.45 1.25 10.78
C PHE B 67 -9.16 1.68 11.37
N VAL B 68 -8.50 0.73 12.04
CA VAL B 68 -7.34 1.00 12.86
C VAL B 68 -6.30 -0.09 12.71
N ARG B 69 -5.04 0.34 12.63
CA ARG B 69 -3.89 -0.52 12.59
C ARG B 69 -3.19 -0.42 13.92
N ILE B 70 -2.86 -1.56 14.52
CA ILE B 70 -2.12 -1.63 15.74
C ILE B 70 -0.80 -2.41 15.60
N THR B 71 0.08 -2.20 16.56
CA THR B 71 1.29 -2.98 16.70
C THR B 71 1.25 -3.54 18.11
N THR B 72 1.44 -4.85 18.27
CA THR B 72 1.48 -5.45 19.56
C THR B 72 2.88 -5.39 20.18
N ASP B 73 2.97 -5.80 21.45
CA ASP B 73 4.24 -5.82 22.15
C ASP B 73 5.18 -6.88 21.62
N GLU B 74 4.66 -7.81 20.83
CA GLU B 74 5.52 -8.78 20.16
C GLU B 74 5.93 -8.31 18.73
N GLY B 75 5.57 -7.09 18.38
CA GLY B 75 5.84 -6.56 17.03
C GLY B 75 4.83 -6.89 15.94
N ILE B 76 3.78 -7.65 16.28
CA ILE B 76 2.82 -8.10 15.29
C ILE B 76 1.90 -6.96 14.92
N THR B 77 1.70 -6.78 13.63
CA THR B 77 0.78 -5.81 13.12
C THR B 77 -0.63 -6.40 13.06
N GLY B 78 -1.62 -5.65 13.54
CA GLY B 78 -3.05 -6.04 13.47
C GLY B 78 -3.95 -4.98 12.86
N ILE B 79 -5.05 -5.40 12.25
CA ILE B 79 -5.97 -4.45 11.56
C ILE B 79 -7.42 -4.72 11.94
N PHE B 80 -8.06 -3.72 12.55
CA PHE B 80 -9.47 -3.76 12.89
C PHE B 80 -10.23 -3.40 11.64
N ALA B 81 -11.08 -4.30 11.21
CA ALA B 81 -11.83 -4.11 9.99
C ALA B 81 -13.21 -4.70 10.13
N GLU B 82 -13.99 -4.48 9.08
CA GLU B 82 -15.32 -5.04 8.98
C GLU B 82 -15.54 -5.41 7.51
N LEU B 83 -16.17 -6.55 7.28
CA LEU B 83 -16.42 -7.09 5.94
C LEU B 83 -17.92 -7.26 5.75
N CYS B 84 -18.42 -6.85 4.60
CA CYS B 84 -19.82 -6.92 4.28
C CYS B 84 -20.01 -7.61 2.95
N VAL B 85 -20.71 -8.74 2.93
CA VAL B 85 -20.78 -9.60 1.73
C VAL B 85 -22.21 -9.82 1.32
N GLY B 86 -22.47 -9.85 0.01
CA GLY B 86 -23.80 -10.16 -0.46
C GLY B 86 -23.94 -10.30 -1.96
N ALA B 87 -25.18 -10.21 -2.43
CA ALA B 87 -25.50 -10.59 -3.79
C ALA B 87 -26.58 -9.69 -4.43
N VAL B 88 -26.52 -9.52 -5.76
CA VAL B 88 -27.66 -9.04 -6.57
C VAL B 88 -28.10 -10.10 -7.59
N ILE B 89 -29.37 -10.01 -8.04
CA ILE B 89 -29.86 -10.71 -9.27
C ILE B 89 -29.89 -9.72 -10.38
N TRP B 90 -29.27 -10.05 -11.50
CA TRP B 90 -29.53 -9.32 -12.72
C TRP B 90 -30.55 -10.13 -13.55
N ASP B 91 -31.29 -9.41 -14.38
CA ASP B 91 -32.40 -9.94 -15.16
C ASP B 91 -32.45 -9.21 -16.49
N ARG B 92 -32.28 -9.93 -17.59
CA ARG B 92 -32.48 -9.35 -18.93
C ARG B 92 -33.81 -8.58 -19.01
N GLU B 93 -34.83 -9.09 -18.32
CA GLU B 93 -36.10 -8.37 -18.10
C GLU B 93 -36.34 -8.26 -16.59
N GLY B 94 -36.20 -7.07 -16.03
CA GLY B 94 -36.26 -6.85 -14.59
C GLY B 94 -34.99 -6.27 -13.98
N GLY B 95 -34.18 -5.60 -14.82
CA GLY B 95 -32.96 -4.94 -14.37
C GLY B 95 -32.13 -5.71 -13.35
N THR B 96 -31.67 -5.01 -12.31
CA THR B 96 -30.87 -5.63 -11.27
C THR B 96 -31.45 -5.30 -9.88
N LYS B 97 -31.41 -6.25 -8.94
CA LYS B 97 -31.91 -6.03 -7.55
C LYS B 97 -31.09 -6.70 -6.45
N THR B 98 -31.07 -6.10 -5.26
CA THR B 98 -30.36 -6.66 -4.09
C THR B 98 -31.08 -7.86 -3.46
N LEU B 99 -30.31 -8.88 -3.08
CA LEU B 99 -30.78 -10.03 -2.32
C LEU B 99 -30.61 -9.80 -0.83
N PHE B 100 -31.02 -8.63 -0.40
CA PHE B 100 -30.91 -8.22 0.99
C PHE B 100 -31.66 -6.91 1.04
N SER B 101 -31.80 -6.34 2.21
CA SER B 101 -32.64 -5.17 2.38
C SER B 101 -32.41 -4.66 3.75
N PRO B 102 -32.80 -3.42 4.05
CA PRO B 102 -32.60 -2.97 5.43
C PRO B 102 -33.19 -3.91 6.50
N ASP B 103 -34.31 -4.55 6.20
CA ASP B 103 -34.94 -5.49 7.14
C ASP B 103 -34.15 -6.80 7.25
N LYS B 104 -33.41 -7.14 6.19
CA LYS B 104 -32.71 -8.43 6.08
C LYS B 104 -31.30 -8.15 5.55
N PRO B 105 -30.48 -7.54 6.41
CA PRO B 105 -29.23 -6.94 5.98
C PRO B 105 -28.21 -7.98 5.64
N PRO B 106 -27.29 -7.66 4.72
CA PRO B 106 -26.30 -8.67 4.35
C PRO B 106 -25.38 -8.91 5.51
N VAL B 107 -24.73 -10.07 5.49
CA VAL B 107 -23.75 -10.44 6.54
C VAL B 107 -22.70 -9.35 6.68
N LYS B 108 -22.36 -9.04 7.92
CA LYS B 108 -21.38 -8.03 8.28
C LYS B 108 -20.62 -8.58 9.49
N GLU B 109 -19.31 -8.65 9.37
CA GLU B 109 -18.48 -9.27 10.37
C GLU B 109 -17.34 -8.36 10.70
N ARG B 110 -17.05 -8.23 11.97
CA ARG B 110 -15.99 -7.42 12.47
C ARG B 110 -14.83 -8.35 12.69
N VAL B 111 -13.67 -8.01 12.15
CA VAL B 111 -12.51 -8.86 12.26
C VAL B 111 -11.29 -8.06 12.74
N LEU B 112 -10.33 -8.78 13.32
CA LEU B 112 -9.04 -8.25 13.65
C LEU B 112 -8.03 -9.13 12.94
N GLY B 113 -7.38 -8.60 11.89
CA GLY B 113 -6.45 -9.37 11.10
C GLY B 113 -5.03 -9.28 11.65
N PHE B 114 -4.35 -10.42 11.68
CA PHE B 114 -2.93 -10.57 12.03
C PHE B 114 -2.33 -11.53 11.04
N SER B 115 -1.01 -11.50 10.89
CA SER B 115 -0.28 -12.56 10.20
C SER B 115 -0.43 -13.83 11.03
N GLN B 116 -0.05 -14.96 10.46
CA GLN B 116 -0.13 -16.22 11.22
C GLN B 116 0.89 -16.28 12.34
N SER B 117 1.81 -15.31 12.42
CA SER B 117 2.72 -15.21 13.56
C SER B 117 2.03 -14.88 14.87
N PHE B 118 0.81 -14.35 14.81
CA PHE B 118 0.07 -14.14 16.03
C PHE B 118 -0.28 -15.50 16.68
N GLN B 119 0.05 -15.67 17.95
CA GLN B 119 -0.01 -16.97 18.57
C GLN B 119 -1.39 -17.34 19.08
N GLU B 120 -2.30 -16.40 19.20
CA GLU B 120 -3.59 -16.71 19.83
C GLU B 120 -4.76 -16.71 18.85
N GLU B 121 -5.93 -17.09 19.35
CA GLU B 121 -7.10 -17.35 18.51
C GLU B 121 -8.36 -16.90 19.23
N GLY B 122 -9.46 -16.68 18.51
CA GLY B 122 -10.74 -16.29 19.11
C GLY B 122 -11.13 -14.84 18.81
N TYR B 123 -11.56 -14.12 19.84
CA TYR B 123 -12.21 -12.83 19.70
C TYR B 123 -11.51 -11.79 20.55
N GLU B 124 -11.43 -10.56 20.02
CA GLU B 124 -10.95 -9.41 20.78
C GLU B 124 -12.10 -8.49 21.11
N GLU B 125 -12.37 -8.23 22.38
CA GLU B 125 -13.39 -7.23 22.75
C GLU B 125 -12.73 -5.88 22.88
N VAL B 126 -13.06 -4.96 22.00
CA VAL B 126 -12.62 -3.59 22.19
C VAL B 126 -13.84 -2.72 22.21
N GLY B 127 -13.97 -1.98 23.30
CA GLY B 127 -15.03 -1.01 23.49
C GLY B 127 -16.41 -1.60 23.33
N GLY B 128 -16.59 -2.81 23.84
CA GLY B 128 -17.89 -3.48 23.78
C GLY B 128 -18.15 -4.21 22.48
N ILE B 129 -17.24 -4.13 21.51
CA ILE B 129 -17.42 -4.75 20.21
C ILE B 129 -16.47 -5.92 20.09
N LEU B 130 -16.96 -7.08 19.66
CA LEU B 130 -16.14 -8.30 19.47
C LEU B 130 -15.60 -8.37 18.03
N PHE B 131 -14.31 -8.58 17.88
CA PHE B 131 -13.66 -8.64 16.56
C PHE B 131 -13.08 -10.05 16.42
N LYS B 132 -13.50 -10.79 15.41
CA LYS B 132 -12.96 -12.14 15.23
C LYS B 132 -11.49 -12.08 14.79
N VAL B 133 -10.64 -12.85 15.44
CA VAL B 133 -9.26 -12.84 15.03
C VAL B 133 -9.14 -13.72 13.81
N VAL B 134 -8.51 -13.19 12.78
CA VAL B 134 -8.43 -13.87 11.51
C VAL B 134 -6.94 -13.79 11.13
N LYS B 135 -6.25 -14.93 10.99
CA LYS B 135 -4.78 -14.95 10.89
C LYS B 135 -4.14 -16.00 9.96
N GLU B 136 -4.80 -16.29 8.84
CA GLU B 136 -4.33 -17.33 7.93
C GLU B 136 -3.32 -16.81 6.92
N GLY B 137 -3.15 -15.51 6.85
CA GLY B 137 -2.24 -14.92 5.89
C GLY B 137 -0.87 -14.59 6.41
N LYS B 138 -0.03 -14.14 5.49
CA LYS B 138 1.36 -13.81 5.82
C LYS B 138 1.47 -12.45 6.45
N ASP B 139 0.45 -11.61 6.26
CA ASP B 139 0.35 -10.36 6.97
C ASP B 139 -1.13 -10.01 7.23
N ALA B 140 -1.36 -8.97 8.04
CA ALA B 140 -2.67 -8.68 8.60
C ALA B 140 -3.73 -8.53 7.54
N GLN B 142 -3.69 -9.48 4.39
CA GLN B 142 -3.89 -10.66 3.58
C GLN B 142 -4.78 -11.63 4.33
N SER B 143 -4.57 -11.73 5.64
CA SER B 143 -5.44 -12.52 6.50
C SER B 143 -6.89 -12.07 6.36
N ILE B 144 -7.13 -10.77 6.30
CA ILE B 144 -8.49 -10.22 6.14
C ILE B 144 -9.07 -10.54 4.75
N ASP B 145 -8.25 -10.42 3.72
CA ASP B 145 -8.68 -10.73 2.38
C ASP B 145 -9.01 -12.21 2.22
N LEU B 146 -8.24 -13.06 2.88
CA LEU B 146 -8.48 -14.49 2.84
C LEU B 146 -9.82 -14.78 3.49
N TYR B 147 -10.13 -14.09 4.58
CA TYR B 147 -11.37 -14.32 5.27
C TYR B 147 -12.57 -13.83 4.48
N ARG B 149 -12.92 -13.73 1.39
CA ARG B 149 -13.07 -14.70 0.33
C ARG B 149 -13.91 -15.86 0.80
N SER B 150 -13.67 -16.33 2.02
CA SER B 150 -14.44 -17.45 2.57
C SER B 150 -15.88 -17.00 2.75
N LEU B 151 -16.14 -15.80 3.25
CA LEU B 151 -17.54 -15.33 3.41
C LEU B 151 -18.22 -15.26 2.06
N GLU B 152 -17.46 -14.87 1.03
CA GLU B 152 -17.96 -14.75 -0.34
C GLU B 152 -18.36 -16.15 -0.78
N ILE B 153 -17.45 -17.12 -0.64
CA ILE B 153 -17.77 -18.53 -0.99
C ILE B 153 -19.07 -18.95 -0.31
N GLU B 154 -19.13 -18.76 1.01
CA GLU B 154 -20.37 -18.96 1.77
C GLU B 154 -21.62 -18.30 1.12
N GLU B 155 -21.52 -17.08 0.58
CA GLU B 155 -22.68 -16.43 -0.04
C GLU B 155 -23.03 -17.05 -1.41
N VAL B 156 -22.03 -17.48 -2.17
CA VAL B 156 -22.28 -18.28 -3.37
C VAL B 156 -23.04 -19.56 -3.02
N ARG B 157 -22.67 -20.18 -1.91
CA ARG B 157 -23.30 -21.43 -1.46
C ARG B 157 -24.78 -21.22 -1.08
N LYS B 158 -25.16 -19.97 -0.78
CA LYS B 158 -26.55 -19.69 -0.38
C LYS B 158 -27.51 -19.75 -1.56
N HIS B 159 -26.98 -19.66 -2.79
CA HIS B 159 -27.84 -19.69 -4.00
C HIS B 159 -27.51 -20.78 -5.01
N ASP B 161 -28.52 -23.73 -5.51
CA ASP B 161 -29.65 -24.56 -5.98
C ASP B 161 -30.71 -23.70 -6.65
N LYS B 162 -30.43 -22.42 -6.85
CA LYS B 162 -31.33 -21.54 -7.57
C LYS B 162 -31.41 -21.88 -9.07
N ASN B 163 -30.51 -22.72 -9.57
CA ASN B 163 -30.43 -23.01 -11.01
C ASN B 163 -30.09 -21.81 -11.91
N ILE B 164 -29.53 -20.76 -11.31
CA ILE B 164 -29.10 -19.54 -12.03
C ILE B 164 -27.58 -19.38 -11.97
N LEU B 165 -27.03 -18.86 -13.06
CA LEU B 165 -25.60 -18.64 -13.21
C LEU B 165 -25.11 -17.60 -12.19
N ILE B 166 -24.11 -17.98 -11.42
CA ILE B 166 -23.60 -17.14 -10.35
C ILE B 166 -22.22 -16.65 -10.75
N VAL B 167 -22.07 -15.33 -10.92
CA VAL B 167 -20.75 -14.74 -11.11
C VAL B 167 -20.26 -14.10 -9.81
N LYS B 168 -19.05 -14.48 -9.43
CA LYS B 168 -18.46 -14.10 -8.16
C LYS B 168 -17.25 -13.24 -8.46
N ASP B 169 -17.22 -12.04 -7.90
CA ASP B 169 -16.08 -11.16 -8.11
C ASP B 169 -14.82 -11.79 -7.51
N GLY B 170 -13.71 -11.62 -8.22
CA GLY B 170 -12.43 -12.18 -7.85
C GLY B 170 -12.11 -13.54 -8.46
N PRO B 171 -10.97 -14.13 -8.06
CA PRO B 171 -10.54 -15.46 -8.42
C PRO B 171 -11.63 -16.53 -8.28
N ALA B 172 -11.51 -17.61 -9.07
CA ALA B 172 -12.37 -18.78 -8.91
C ALA B 172 -12.12 -19.47 -7.57
N ALA B 173 -13.16 -20.11 -7.04
CA ALA B 173 -13.10 -20.73 -5.70
C ALA B 173 -12.82 -22.25 -5.73
N ARG B 174 -11.55 -22.61 -5.57
CA ARG B 174 -11.15 -24.02 -5.59
C ARG B 174 -12.24 -24.84 -4.87
N GLU B 175 -12.59 -24.40 -3.67
CA GLU B 175 -13.62 -25.04 -2.84
C GLU B 175 -14.92 -25.40 -3.55
N LEU B 176 -15.23 -24.67 -4.63
CA LEU B 176 -16.52 -24.82 -5.31
C LEU B 176 -16.37 -25.01 -6.83
N PRO B 177 -16.18 -26.29 -7.26
CA PRO B 177 -16.10 -26.61 -8.67
C PRO B 177 -17.40 -26.33 -9.44
N PHE B 178 -17.20 -26.25 -10.76
CA PHE B 178 -18.22 -25.89 -11.76
C PHE B 178 -19.41 -26.83 -11.87
N GLU B 179 -20.62 -26.30 -11.75
CA GLU B 179 -21.84 -27.07 -11.92
C GLU B 179 -22.43 -26.85 -13.32
N GLU B 180 -23.69 -27.23 -13.54
CA GLU B 180 -24.29 -27.19 -14.86
C GLU B 180 -24.76 -25.80 -15.29
N ASN B 181 -25.76 -25.29 -14.57
CA ASN B 181 -26.45 -24.06 -14.96
C ASN B 181 -26.31 -22.98 -13.86
N VAL B 182 -25.14 -22.96 -13.22
CA VAL B 182 -24.91 -22.23 -11.97
C VAL B 182 -23.48 -21.71 -11.89
N GLY B 183 -22.51 -22.61 -12.04
CA GLY B 183 -21.10 -22.26 -11.87
C GLY B 183 -20.57 -22.70 -10.51
N PRO B 184 -19.98 -21.79 -9.75
CA PRO B 184 -19.85 -20.35 -9.96
C PRO B 184 -18.65 -20.00 -10.84
N ILE B 185 -18.65 -18.77 -11.32
CA ILE B 185 -17.63 -18.29 -12.26
C ILE B 185 -17.01 -17.02 -11.69
N GLY B 186 -15.68 -17.06 -11.59
CA GLY B 186 -14.90 -15.98 -11.06
C GLY B 186 -14.69 -14.96 -12.15
N LEU B 187 -14.77 -13.69 -11.76
CA LEU B 187 -14.62 -12.58 -12.68
C LEU B 187 -13.44 -11.74 -12.17
N VAL B 188 -12.40 -11.58 -12.99
CA VAL B 188 -11.13 -11.03 -12.52
C VAL B 188 -10.75 -9.81 -13.35
N LYS B 189 -10.72 -8.68 -12.62
CA LYS B 189 -10.54 -7.35 -13.17
C LYS B 189 -9.07 -6.96 -13.13
N ASN B 190 -8.38 -7.37 -12.06
CA ASN B 190 -6.96 -7.07 -11.90
C ASN B 190 -6.15 -8.25 -12.36
N ILE B 191 -5.49 -8.09 -13.50
CA ILE B 191 -4.93 -9.22 -14.22
C ILE B 191 -3.39 -9.24 -14.20
N GLY B 192 -2.83 -8.85 -13.08
CA GLY B 192 -1.38 -8.81 -12.89
C GLY B 192 -0.69 -10.11 -13.22
N VAL B 193 -1.18 -11.21 -12.63
CA VAL B 193 -0.66 -12.55 -12.95
C VAL B 193 -1.45 -13.09 -14.12
N THR B 194 -0.85 -13.05 -15.31
CA THR B 194 -1.63 -13.22 -16.52
C THR B 194 -1.93 -14.68 -16.86
N GLU B 195 -1.04 -15.57 -16.41
CA GLU B 195 -1.17 -17.01 -16.67
C GLU B 195 -0.78 -17.36 -18.10
N LEU B 196 -1.00 -16.44 -19.02
CA LEU B 196 -0.49 -16.56 -20.37
C LEU B 196 0.95 -16.05 -20.43
N SER B 197 1.60 -16.24 -21.57
CA SER B 197 2.93 -15.69 -21.84
C SER B 197 2.80 -14.32 -22.48
N LYS B 198 3.92 -13.64 -22.69
CA LYS B 198 3.91 -12.24 -23.08
C LYS B 198 3.40 -12.09 -24.49
N GLU B 199 3.95 -12.88 -25.41
CA GLU B 199 3.58 -12.83 -26.84
C GLU B 199 2.07 -12.99 -27.14
N ASP B 200 1.42 -13.78 -26.27
CA ASP B 200 -0.02 -14.03 -26.35
C ASP B 200 -0.84 -12.96 -25.63
N PHE B 201 -0.41 -12.58 -24.42
CA PHE B 201 -1.01 -11.49 -23.71
C PHE B 201 -0.97 -10.23 -24.56
N LYS B 202 0.23 -9.83 -25.00
CA LYS B 202 0.37 -8.68 -25.90
C LYS B 202 -0.72 -8.70 -26.96
N LYS B 203 -0.89 -9.86 -27.58
CA LYS B 203 -1.91 -10.08 -28.60
C LYS B 203 -3.31 -9.66 -28.12
N LEU B 204 -3.68 -10.05 -26.90
CA LEU B 204 -5.02 -9.73 -26.39
C LEU B 204 -5.47 -8.28 -26.64
N ARG B 205 -4.56 -7.31 -26.53
CA ARG B 205 -4.92 -5.89 -26.58
C ARG B 205 -5.71 -5.52 -27.86
N PHE B 206 -5.50 -6.27 -28.94
CA PHE B 206 -6.29 -6.12 -30.16
C PHE B 206 -7.61 -6.94 -30.22
N LEU B 207 -8.24 -7.16 -29.06
CA LEU B 207 -9.52 -7.87 -28.98
C LEU B 207 -10.67 -6.86 -29.06
N LYS B 208 -11.56 -7.05 -30.03
CA LYS B 208 -12.74 -6.19 -30.19
C LYS B 208 -13.78 -6.43 -29.10
N LYS B 209 -14.47 -5.36 -28.72
CA LYS B 209 -15.42 -5.37 -27.59
C LYS B 209 -16.42 -6.51 -27.67
N GLY B 210 -16.17 -7.59 -26.93
CA GLY B 210 -17.05 -8.75 -26.95
C GLY B 210 -16.33 -10.07 -27.28
N LYS B 211 -15.12 -9.97 -27.84
CA LYS B 211 -14.33 -11.15 -28.21
C LYS B 211 -13.57 -11.77 -27.03
N ARG B 212 -13.27 -13.06 -27.15
CA ARG B 212 -12.56 -13.77 -26.10
C ARG B 212 -11.35 -14.52 -26.61
N SER B 213 -10.37 -14.76 -25.74
CA SER B 213 -9.20 -15.53 -26.13
C SER B 213 -9.58 -17.01 -26.30
N LYS B 214 -8.58 -17.83 -26.64
CA LYS B 214 -8.72 -19.27 -26.51
C LYS B 214 -8.64 -19.56 -25.01
N PHE B 216 -7.51 -21.37 -21.66
CA PHE B 216 -6.27 -21.94 -21.20
C PHE B 216 -6.54 -22.47 -19.80
N VAL B 217 -5.69 -23.42 -19.37
CA VAL B 217 -5.85 -24.10 -18.09
C VAL B 217 -4.54 -24.15 -17.32
N SER B 218 -4.65 -24.26 -15.99
CA SER B 218 -3.51 -24.37 -15.09
C SER B 218 -2.57 -25.53 -15.44
N LYS B 226 -9.35 -26.22 -13.23
CA LYS B 226 -8.83 -24.84 -13.21
C LYS B 226 -8.58 -24.32 -14.62
N VAL B 227 -9.58 -23.64 -15.20
CA VAL B 227 -9.50 -23.12 -16.57
C VAL B 227 -9.96 -21.67 -16.64
N GLY B 228 -9.39 -20.92 -17.59
CA GLY B 228 -9.66 -19.49 -17.76
C GLY B 228 -9.69 -18.97 -19.21
N ALA B 229 -10.32 -17.78 -19.34
CA ALA B 229 -10.42 -17.06 -20.61
C ALA B 229 -10.57 -15.58 -20.34
N TYR B 230 -9.85 -14.78 -21.11
CA TYR B 230 -9.96 -13.33 -21.03
C TYR B 230 -11.09 -12.88 -21.94
N VAL B 231 -11.93 -11.98 -21.44
CA VAL B 231 -13.05 -11.40 -22.18
C VAL B 231 -12.92 -9.86 -22.24
N LYS B 232 -13.13 -9.29 -23.44
CA LYS B 232 -13.14 -7.81 -23.62
C LYS B 232 -14.57 -7.23 -23.58
N LEU B 233 -14.76 -6.16 -22.80
CA LEU B 233 -16.09 -5.63 -22.50
C LEU B 233 -16.40 -4.24 -23.09
N ILE B 234 -15.38 -3.52 -23.57
CA ILE B 234 -15.59 -2.25 -24.28
C ILE B 234 -14.63 -2.13 -25.47
N ASP B 235 -14.62 -0.97 -26.14
CA ASP B 235 -13.76 -0.78 -27.31
C ASP B 235 -12.55 0.14 -27.07
N GLY B 236 -11.67 0.21 -28.08
CA GLY B 236 -10.35 0.82 -27.92
C GLY B 236 -9.40 -0.17 -27.28
N GLU B 237 -8.18 -0.27 -27.81
CA GLU B 237 -7.21 -1.30 -27.37
C GLU B 237 -6.71 -0.99 -25.96
N GLY B 238 -5.94 -1.93 -25.39
CA GLY B 238 -5.41 -1.80 -24.05
C GLY B 238 -6.31 -2.44 -23.01
N ILE B 239 -5.69 -3.01 -21.97
CA ILE B 239 -6.33 -3.95 -21.05
C ILE B 239 -7.45 -3.45 -20.17
N ARG B 240 -7.86 -2.19 -20.34
CA ARG B 240 -9.05 -1.63 -19.68
C ARG B 240 -10.22 -2.20 -20.50
N GLY B 241 -11.21 -2.74 -19.80
CA GLY B 241 -12.25 -3.55 -20.45
C GLY B 241 -11.89 -5.03 -20.50
N LEU B 242 -10.59 -5.33 -20.43
CA LEU B 242 -10.11 -6.72 -20.43
C LEU B 242 -10.29 -7.32 -19.05
N VAL B 243 -10.92 -8.47 -19.04
CA VAL B 243 -11.32 -9.14 -17.84
C VAL B 243 -10.92 -10.62 -18.06
N ARG B 244 -10.86 -11.41 -16.99
CA ARG B 244 -10.56 -12.82 -17.13
C ARG B 244 -11.60 -13.65 -16.38
N LEU B 245 -12.22 -14.57 -17.11
CA LEU B 245 -13.17 -15.52 -16.53
C LEU B 245 -12.44 -16.80 -16.24
N GLU B 246 -12.76 -17.43 -15.13
CA GLU B 246 -12.09 -18.64 -14.74
C GLU B 246 -12.95 -19.38 -13.74
N THR B 247 -12.75 -20.71 -13.72
CA THR B 247 -13.41 -21.61 -12.78
C THR B 247 -12.65 -22.90 -12.76
N TYR B 248 -13.03 -23.76 -11.82
CA TYR B 248 -12.44 -25.08 -11.62
C TYR B 248 -13.40 -26.18 -12.09
N ASP B 251 -13.29 -32.34 -14.22
CA ASP B 251 -13.63 -33.48 -15.05
C ASP B 251 -13.93 -33.03 -16.48
N ASP B 252 -13.06 -33.37 -17.41
CA ASP B 252 -12.99 -32.69 -18.72
C ASP B 252 -14.22 -32.89 -19.60
N ASN B 253 -15.21 -33.60 -19.07
CA ASN B 253 -16.53 -33.69 -19.69
C ASN B 253 -17.38 -32.46 -19.38
N GLN B 254 -16.90 -31.63 -18.43
CA GLN B 254 -17.56 -30.36 -18.10
C GLN B 254 -17.19 -29.20 -19.05
N ILE B 255 -16.16 -29.40 -19.87
CA ILE B 255 -15.62 -28.31 -20.67
C ILE B 255 -16.61 -27.77 -21.71
N PRO B 256 -17.33 -28.67 -22.39
CA PRO B 256 -18.38 -28.17 -23.29
C PRO B 256 -19.49 -27.42 -22.57
N TYR B 257 -19.75 -27.74 -21.30
CA TYR B 257 -20.82 -27.11 -20.56
C TYR B 257 -20.48 -25.66 -20.25
N ILE B 258 -19.28 -25.47 -19.72
CA ILE B 258 -18.76 -24.19 -19.31
C ILE B 258 -18.23 -23.39 -20.48
N ARG B 259 -17.75 -24.07 -21.52
CA ARG B 259 -17.31 -23.36 -22.71
C ARG B 259 -18.47 -22.53 -23.27
N LYS B 260 -19.69 -23.07 -23.20
CA LYS B 260 -20.90 -22.29 -23.57
C LYS B 260 -21.13 -21.07 -22.63
N VAL B 261 -20.88 -21.27 -21.34
CA VAL B 261 -21.02 -20.21 -20.35
C VAL B 261 -20.08 -19.03 -20.69
N PHE B 262 -18.81 -19.32 -20.94
CA PHE B 262 -17.85 -18.34 -21.47
C PHE B 262 -18.36 -17.66 -22.79
N ASP B 263 -19.01 -18.45 -23.66
CA ASP B 263 -19.51 -17.99 -25.00
C ASP B 263 -20.81 -16.99 -24.80
N ASP B 264 -21.52 -17.49 -23.79
CA ASP B 264 -22.66 -16.65 -23.36
C ASP B 264 -22.31 -15.36 -22.56
N LEU B 265 -21.25 -15.38 -21.72
CA LEU B 265 -20.81 -14.20 -20.93
C LEU B 265 -20.06 -13.14 -21.74
N ALA B 266 -19.22 -13.62 -22.68
CA ALA B 266 -18.54 -12.72 -23.60
C ALA B 266 -19.57 -11.98 -24.49
N LYS B 267 -20.67 -12.65 -24.82
CA LYS B 267 -21.83 -11.96 -25.43
C LYS B 267 -22.49 -10.97 -24.44
N THR B 268 -22.82 -11.47 -23.24
CA THR B 268 -23.74 -10.77 -22.36
C THR B 268 -23.10 -9.61 -21.61
N LEU B 269 -21.88 -9.76 -21.14
CA LEU B 269 -21.30 -8.77 -20.21
C LEU B 269 -21.04 -7.39 -20.83
N PRO B 270 -20.65 -7.31 -22.12
CA PRO B 270 -20.47 -5.96 -22.68
C PRO B 270 -21.73 -5.08 -22.64
N HIS B 271 -22.89 -5.69 -22.69
CA HIS B 271 -24.15 -4.95 -22.70
C HIS B 271 -24.48 -4.40 -21.34
N LEU B 272 -23.91 -5.03 -20.31
CA LEU B 272 -24.08 -4.59 -18.91
C LEU B 272 -23.11 -3.51 -18.47
N THR B 273 -22.32 -2.98 -19.39
CA THR B 273 -21.42 -1.91 -19.08
C THR B 273 -21.55 -0.74 -20.06
N ALA B 274 -20.64 0.21 -19.87
CA ALA B 274 -20.42 1.35 -20.75
C ALA B 274 -19.12 2.03 -20.27
N ASP B 275 -18.77 3.13 -20.91
CA ASP B 275 -17.67 3.97 -20.42
C ASP B 275 -18.22 5.32 -19.96
N LEU B 276 -17.42 6.03 -19.17
CA LEU B 276 -17.68 7.43 -18.92
C LEU B 276 -16.39 8.23 -18.72
N PRO B 277 -15.75 8.12 -17.53
CA PRO B 277 -14.71 9.12 -17.28
C PRO B 277 -13.44 8.87 -18.09
N LEU B 281 -15.44 4.07 -14.29
CA LEU B 281 -14.61 2.94 -14.75
C LEU B 281 -15.35 2.11 -15.82
N PRO B 282 -14.66 1.11 -16.45
CA PRO B 282 -15.24 0.11 -17.38
C PRO B 282 -15.45 -1.35 -16.86
N GLU B 283 -14.34 -2.08 -16.63
CA GLU B 283 -14.29 -3.45 -16.03
C GLU B 283 -15.12 -3.71 -14.77
N ASN B 284 -15.38 -2.65 -13.99
N ASN B 284 -15.35 -2.65 -13.98
CA ASN B 284 -16.34 -2.68 -12.91
CA ASN B 284 -16.36 -2.66 -12.91
C ASN B 284 -17.76 -2.48 -13.47
C ASN B 284 -17.74 -2.48 -13.53
N ILE B 285 -18.30 -3.61 -13.95
CA ILE B 285 -19.65 -3.75 -14.55
C ILE B 285 -20.82 -3.18 -13.75
N LEU B 286 -21.90 -2.82 -14.42
CA LEU B 286 -22.98 -2.08 -13.74
C LEU B 286 -23.64 -2.77 -12.53
N PRO B 287 -24.27 -3.93 -12.70
CA PRO B 287 -24.78 -4.65 -11.54
C PRO B 287 -23.84 -4.78 -10.36
N ILE B 288 -22.56 -4.97 -10.65
CA ILE B 288 -21.55 -5.08 -9.61
C ILE B 288 -21.40 -3.73 -8.87
N GLN B 289 -21.26 -2.62 -9.59
CA GLN B 289 -21.21 -1.33 -8.93
C GLN B 289 -22.46 -1.06 -8.09
N PHE B 290 -23.62 -1.41 -8.61
CA PHE B 290 -24.86 -1.31 -7.84
C PHE B 290 -24.81 -2.14 -6.56
N LEU B 291 -24.22 -3.33 -6.63
CA LEU B 291 -24.09 -4.22 -5.49
C LEU B 291 -23.11 -3.64 -4.45
N GLU B 292 -21.99 -3.13 -4.93
CA GLU B 292 -20.99 -2.56 -4.06
C GLU B 292 -21.51 -1.30 -3.37
N GLU B 293 -22.19 -0.43 -4.11
CA GLU B 293 -22.81 0.75 -3.49
C GLU B 293 -23.66 0.27 -2.35
N ASN B 294 -24.43 -0.79 -2.59
CA ASN B 294 -25.44 -1.25 -1.64
C ASN B 294 -24.83 -1.84 -0.38
N LEU B 295 -23.77 -2.63 -0.51
CA LEU B 295 -23.09 -3.14 0.67
C LEU B 295 -22.47 -2.05 1.55
N SER B 296 -21.90 -1.05 0.90
CA SER B 296 -21.31 0.08 1.59
C SER B 296 -22.28 0.77 2.50
N TYR B 297 -23.54 0.84 2.11
CA TYR B 297 -24.57 1.42 2.96
C TYR B 297 -24.58 0.77 4.33
N TYR B 298 -24.15 -0.48 4.44
CA TYR B 298 -24.31 -1.21 5.70
C TYR B 298 -23.07 -1.14 6.61
N LEU B 299 -22.00 -0.52 6.11
CA LEU B 299 -20.77 -0.51 6.83
C LEU B 299 -20.81 0.58 7.89
N THR B 300 -20.04 0.39 8.96
CA THR B 300 -20.01 1.33 10.04
C THR B 300 -19.25 2.56 9.66
N ASP B 301 -19.81 3.71 9.99
CA ASP B 301 -19.11 4.99 9.88
C ASP B 301 -17.70 4.90 10.47
N LYS B 302 -16.74 5.42 9.73
CA LYS B 302 -15.35 5.24 10.03
C LYS B 302 -14.97 6.08 11.23
N ASN B 303 -15.40 7.33 11.26
CA ASN B 303 -15.04 8.22 12.35
C ASN B 303 -15.68 7.78 13.64
N TYR B 304 -16.94 7.37 13.57
CA TYR B 304 -17.64 6.86 14.72
C TYR B 304 -16.90 5.65 15.29
N ASN B 306 -13.77 4.59 14.79
CA ASN B 306 -12.42 4.90 15.24
C ASN B 306 -12.40 5.60 16.59
N THR B 307 -13.39 6.46 16.82
CA THR B 307 -13.49 7.20 18.06
C THR B 307 -13.79 6.27 19.23
N ARG B 308 -14.72 5.38 18.98
CA ARG B 308 -15.04 4.29 19.87
C ARG B 308 -13.85 3.37 20.17
N LEU B 309 -13.09 3.00 19.15
CA LEU B 309 -11.99 2.12 19.38
C LEU B 309 -10.90 2.86 20.14
N PHE B 310 -10.64 4.11 19.78
CA PHE B 310 -9.55 4.87 20.42
C PHE B 310 -9.79 5.18 21.90
N ALA B 311 -11.04 5.14 22.31
CA ALA B 311 -11.33 5.36 23.69
C ALA B 311 -10.80 4.20 24.56
N TYR B 312 -10.47 3.07 23.94
CA TYR B 312 -9.88 1.93 24.61
C TYR B 312 -8.48 1.55 24.09
N ILE B 313 -7.99 2.20 23.04
CA ILE B 313 -6.58 2.06 22.71
C ILE B 313 -5.67 3.33 22.85
N GLY B 314 -5.80 4.28 21.94
CA GLY B 314 -4.84 5.40 21.87
C GLY B 314 -3.42 5.05 21.44
#